data_3HJS
#
_entry.id   3HJS
#
_cell.length_a   88.200
_cell.length_b   37.363
_cell.length_c   74.702
_cell.angle_alpha   90.00
_cell.angle_beta   95.82
_cell.angle_gamma   90.00
#
_symmetry.space_group_name_H-M   'C 1 2 1'
#
loop_
_entity.id
_entity.type
_entity.pdbx_description
1 polymer 'Catechol 1,2-dioxygenase'
2 non-polymer 'FE (III) ION'
3 non-polymer 'MAGNESIUM ION'
4 non-polymer 4-METHYLCATECHOL
5 non-polymer '(4S,7R)-4-HYDROXY-N,N,N-TRIMETHYL-9-OXO-7-[(PALMITOYLOXY)METHYL]-3,5,8-TRIOXA-4-PHOSPHAHEXACOSAN-1-AMINIUM 4-OXIDE'
6 water water
#
_entity_poly.entity_id   1
_entity_poly.type   'polypeptide(L)'
_entity_poly.pdbx_seq_one_letter_code
;MTTTESPTAAGSGSAATDKFKAERATADTSPERLAAIAKDALGALNDVILKHGVTYPEYRVFKQWLIDVGEGGEWPLFLD
VFIEHSVEEVLARSRKGTMGSIEGPYYIENSPELPSKCTLPMREEDEKITPLVFSGQVTDLDGNGLAGAKVELWHADNDG
YYSQFAPHLPEWNLRGTIIADEEGRYEITTIQPAPYQIPTDGPTGQFIEAQNGHPWRPAHLHLIVSAPGKESVTTQLYFK
GGEWIDSDVASATKPELILDPKTGDDGKNYVTYNFVLDPA
;
_entity_poly.pdbx_strand_id   A
#
loop_
_chem_comp.id
_chem_comp.type
_chem_comp.name
_chem_comp.formula
6PL non-polymer '(4S,7R)-4-HYDROXY-N,N,N-TRIMETHYL-9-OXO-7-[(PALMITOYLOXY)METHYL]-3,5,8-TRIOXA-4-PHOSPHAHEXACOSAN-1-AMINIUM 4-OXIDE' 'C42 H85 N O8 P 1'
FE non-polymer 'FE (III) ION' 'Fe 3'
MCT non-polymer 4-METHYLCATECHOL 'C7 H8 O2'
MG non-polymer 'MAGNESIUM ION' 'Mg 2'
#
# COMPACT_ATOMS: atom_id res chain seq x y z
N ALA A 25 17.15 1.32 -11.23
CA ALA A 25 15.84 1.15 -11.94
C ALA A 25 16.04 1.37 -13.44
N THR A 26 15.44 0.47 -14.22
CA THR A 26 15.60 0.47 -15.66
C THR A 26 14.24 0.15 -16.29
N ALA A 27 13.98 0.70 -17.47
CA ALA A 27 12.77 0.36 -18.22
C ALA A 27 13.11 0.15 -19.70
N ASP A 28 12.21 -0.56 -20.39
CA ASP A 28 12.34 -0.85 -21.81
C ASP A 28 11.45 0.11 -22.64
N THR A 29 11.68 1.42 -22.47
CA THR A 29 10.94 2.47 -23.15
C THR A 29 11.78 3.04 -24.29
N SER A 30 11.16 3.11 -25.45
CA SER A 30 11.75 3.66 -26.66
C SER A 30 11.69 5.19 -26.65
N PRO A 31 12.66 5.85 -27.32
CA PRO A 31 12.63 7.32 -27.41
C PRO A 31 11.30 7.86 -28.00
N GLU A 32 10.72 7.11 -28.93
CA GLU A 32 9.41 7.50 -29.50
C GLU A 32 8.35 7.54 -28.41
N ARG A 33 8.39 6.54 -27.56
CA ARG A 33 7.36 6.39 -26.52
C ARG A 33 7.58 7.48 -25.46
N LEU A 34 8.84 7.61 -25.00
CA LEU A 34 9.16 8.72 -24.08
C LEU A 34 8.82 10.08 -24.66
N ALA A 35 9.12 10.29 -25.95
CA ALA A 35 8.84 11.58 -26.55
C ALA A 35 7.35 11.87 -26.43
N ALA A 36 6.50 10.87 -26.70
CA ALA A 36 5.06 11.10 -26.73
C ALA A 36 4.53 11.30 -25.33
N ILE A 37 5.09 10.53 -24.38
CA ILE A 37 4.66 10.71 -22.97
C ILE A 37 5.04 12.11 -22.52
N ALA A 38 6.27 12.50 -22.84
CA ALA A 38 6.78 13.81 -22.39
C ALA A 38 6.00 14.96 -22.98
N LYS A 39 5.66 14.84 -24.26
CA LYS A 39 4.91 15.90 -24.91
C LYS A 39 3.54 16.07 -24.26
N ASP A 40 2.88 14.94 -24.01
CA ASP A 40 1.59 14.98 -23.33
C ASP A 40 1.64 15.54 -21.90
N ALA A 41 2.61 15.07 -21.14
CA ALA A 41 2.80 15.50 -19.74
C ALA A 41 3.11 16.98 -19.69
N LEU A 42 4.10 17.42 -20.47
CA LEU A 42 4.42 18.87 -20.40
C LEU A 42 3.33 19.74 -20.96
N GLY A 43 2.70 19.33 -22.06
CA GLY A 43 1.56 20.07 -22.59
C GLY A 43 0.42 20.20 -21.56
N ALA A 44 0.16 19.10 -20.85
CA ALA A 44 -0.85 19.06 -19.77
C ALA A 44 -0.54 20.08 -18.69
N LEU A 45 0.71 20.08 -18.22
CA LEU A 45 1.09 21.03 -17.17
C LEU A 45 0.99 22.45 -17.65
N ASN A 46 1.52 22.67 -18.84
CA ASN A 46 1.41 23.97 -19.47
C ASN A 46 -0.05 24.43 -19.69
N ASP A 47 -0.94 23.51 -20.11
CA ASP A 47 -2.38 23.81 -20.17
C ASP A 47 -3.02 24.19 -18.85
N VAL A 48 -2.60 23.54 -17.77
CA VAL A 48 -3.07 23.92 -16.44
C VAL A 48 -2.59 25.32 -16.06
N ILE A 49 -1.33 25.61 -16.35
CA ILE A 49 -0.76 26.96 -16.12
C ILE A 49 -1.58 28.04 -16.82
N LEU A 50 -1.92 27.78 -18.08
CA LEU A 50 -2.69 28.74 -18.87
C LEU A 50 -4.13 28.85 -18.35
N LYS A 51 -4.72 27.73 -17.96
CA LYS A 51 -6.12 27.70 -17.55
C LYS A 51 -6.31 28.56 -16.30
N HIS A 52 -5.39 28.39 -15.37
CA HIS A 52 -5.50 29.02 -14.07
C HIS A 52 -4.75 30.33 -14.00
N GLY A 53 -4.00 30.66 -15.05
CA GLY A 53 -3.29 31.95 -14.99
C GLY A 53 -2.26 31.98 -13.88
N VAL A 54 -1.53 30.87 -13.75
CA VAL A 54 -0.44 30.79 -12.78
C VAL A 54 0.54 31.97 -12.98
N THR A 55 0.92 32.63 -11.89
CA THR A 55 1.65 33.86 -11.93
C THR A 55 3.13 33.57 -11.65
N TYR A 56 4.03 34.51 -11.94
CA TYR A 56 5.45 34.40 -11.55
C TYR A 56 5.72 34.12 -10.07
N PRO A 57 5.10 34.86 -9.14
CA PRO A 57 5.31 34.48 -7.74
C PRO A 57 4.90 33.01 -7.42
N GLU A 58 3.84 32.50 -8.04
CA GLU A 58 3.43 31.11 -7.82
C GLU A 58 4.47 30.15 -8.44
N TYR A 59 4.97 30.53 -9.60
CA TYR A 59 6.05 29.75 -10.29
C TYR A 59 7.26 29.62 -9.38
N ARG A 60 7.61 30.73 -8.74
CA ARG A 60 8.77 30.77 -7.85
C ARG A 60 8.55 29.87 -6.64
N VAL A 61 7.34 29.91 -6.06
CA VAL A 61 7.01 29.06 -4.92
C VAL A 61 7.08 27.56 -5.33
N PHE A 62 6.58 27.25 -6.52
CA PHE A 62 6.51 25.87 -7.03
C PHE A 62 7.97 25.36 -7.22
N LYS A 63 8.85 26.20 -7.75
CA LYS A 63 10.26 25.85 -7.94
C LYS A 63 10.92 25.51 -6.61
N GLN A 64 10.69 26.37 -5.61
CA GLN A 64 11.32 26.13 -4.34
C GLN A 64 10.76 24.90 -3.66
N TRP A 65 9.46 24.68 -3.79
CA TRP A 65 8.84 23.50 -3.24
C TRP A 65 9.44 22.22 -3.88
N LEU A 66 9.65 22.21 -5.19
CA LEU A 66 10.22 20.98 -5.81
C LEU A 66 11.60 20.71 -5.22
N ILE A 67 12.37 21.77 -5.12
CA ILE A 67 13.65 21.65 -4.43
C ILE A 67 13.54 21.08 -3.02
N ASP A 68 12.59 21.60 -2.25
CA ASP A 68 12.44 21.17 -0.89
C ASP A 68 12.00 19.68 -0.82
N VAL A 69 11.19 19.25 -1.77
CA VAL A 69 10.77 17.83 -1.82
C VAL A 69 12.01 16.93 -1.90
N GLY A 70 12.96 17.31 -2.75
CA GLY A 70 14.15 16.49 -2.94
C GLY A 70 15.05 16.57 -1.73
N GLU A 71 15.19 17.78 -1.17
CA GLU A 71 16.02 18.01 0.01
C GLU A 71 15.48 17.30 1.21
N GLY A 72 14.16 17.05 1.25
CA GLY A 72 13.55 16.40 2.41
C GLY A 72 13.39 14.91 2.18
N GLY A 73 13.97 14.40 1.07
CA GLY A 73 13.89 12.98 0.67
C GLY A 73 12.45 12.49 0.55
N GLU A 74 11.54 13.39 0.11
CA GLU A 74 10.11 13.08 -0.01
C GLU A 74 9.58 12.63 -1.38
N TRP A 75 10.47 12.42 -2.37
CA TRP A 75 9.95 11.92 -3.67
C TRP A 75 9.21 10.61 -3.59
N PRO A 76 9.76 9.59 -2.91
CA PRO A 76 8.94 8.35 -2.89
C PRO A 76 7.54 8.57 -2.23
N LEU A 77 7.52 9.35 -1.15
CA LEU A 77 6.28 9.62 -0.47
C LEU A 77 5.31 10.38 -1.36
N PHE A 78 5.71 11.52 -1.91
CA PHE A 78 4.82 12.34 -2.69
C PHE A 78 4.28 11.59 -3.90
N LEU A 79 5.15 10.85 -4.58
CA LEU A 79 4.71 10.12 -5.78
C LEU A 79 3.82 8.97 -5.41
N ASP A 80 4.14 8.23 -4.35
CA ASP A 80 3.27 7.12 -3.95
C ASP A 80 1.91 7.59 -3.50
N VAL A 81 1.86 8.79 -2.90
CA VAL A 81 0.55 9.33 -2.49
C VAL A 81 -0.26 9.86 -3.69
N PHE A 82 0.38 10.64 -4.56
CA PHE A 82 -0.37 11.39 -5.55
C PHE A 82 -0.38 10.86 -6.98
N ILE A 83 0.50 9.93 -7.25
CA ILE A 83 0.74 9.43 -8.61
C ILE A 83 0.55 7.91 -8.73
N GLU A 84 1.08 7.13 -7.78
CA GLU A 84 1.09 5.64 -7.90
C GLU A 84 -0.26 4.96 -8.20
N HIS A 85 -1.35 5.51 -7.65
CA HIS A 85 -2.68 4.94 -7.89
C HIS A 85 -3.01 4.87 -9.37
N SER A 86 -2.51 5.80 -10.18
CA SER A 86 -2.84 5.77 -11.62
C SER A 86 -1.97 4.66 -12.28
N VAL A 87 -0.77 4.43 -11.79
CA VAL A 87 0.06 3.36 -12.37
C VAL A 87 -0.52 1.99 -12.03
N GLU A 88 -1.11 1.83 -10.84
CA GLU A 88 -1.70 0.55 -10.50
C GLU A 88 -3.00 0.40 -11.32
N GLU A 89 -3.70 1.51 -11.54
CA GLU A 89 -4.93 1.47 -12.39
C GLU A 89 -4.62 0.96 -13.80
N VAL A 90 -3.47 1.36 -14.37
CA VAL A 90 -2.95 0.74 -15.63
C VAL A 90 -2.75 -0.74 -15.49
N LEU A 91 -2.02 -1.16 -14.48
CA LEU A 91 -1.79 -2.57 -14.26
C LEU A 91 -3.12 -3.30 -14.01
N ALA A 92 -4.06 -2.64 -13.33
CA ALA A 92 -5.37 -3.23 -13.00
C ALA A 92 -6.25 -3.62 -14.22
N ARG A 93 -6.05 -2.95 -15.34
CA ARG A 93 -6.72 -3.28 -16.61
C ARG A 93 -6.28 -4.64 -17.18
N SER A 94 -5.06 -5.07 -16.88
CA SER A 94 -4.53 -6.34 -17.39
C SER A 94 -4.83 -7.57 -16.54
N ARG A 95 -5.46 -7.37 -15.39
CA ARG A 95 -5.58 -8.42 -14.39
CA ARG A 95 -5.58 -8.43 -14.40
C ARG A 95 -7.03 -8.77 -14.11
N LYS A 96 -7.30 -10.07 -14.00
CA LYS A 96 -8.64 -10.58 -13.62
C LYS A 96 -8.70 -11.09 -12.17
N GLY A 97 -7.55 -11.24 -11.51
CA GLY A 97 -7.53 -11.78 -10.15
C GLY A 97 -7.86 -10.74 -9.08
N THR A 98 -7.37 -10.95 -7.86
CA THR A 98 -7.70 -10.04 -6.73
C THR A 98 -7.34 -8.61 -7.07
N MET A 99 -8.18 -7.65 -6.70
CA MET A 99 -7.85 -6.25 -7.00
C MET A 99 -6.50 -5.89 -6.39
N GLY A 100 -5.66 -5.19 -7.15
CA GLY A 100 -4.42 -4.68 -6.58
C GLY A 100 -4.60 -3.29 -5.94
N SER A 101 -3.54 -2.84 -5.28
CA SER A 101 -3.47 -1.43 -4.85
C SER A 101 -2.06 -0.94 -4.80
N ILE A 102 -1.81 0.32 -4.43
CA ILE A 102 -0.41 0.77 -4.43
C ILE A 102 0.45 0.01 -3.39
N GLU A 103 1.76 -0.05 -3.64
CA GLU A 103 2.75 -0.62 -2.75
C GLU A 103 2.95 0.40 -1.63
N GLY A 104 2.90 1.68 -1.97
CA GLY A 104 3.34 2.71 -0.99
C GLY A 104 4.85 2.70 -0.76
N PRO A 105 5.35 3.56 0.14
CA PRO A 105 6.82 3.74 0.20
C PRO A 105 7.54 2.82 1.26
N TYR A 106 6.78 1.98 1.94
CA TYR A 106 7.28 1.26 3.08
C TYR A 106 7.51 -0.23 2.89
N TYR A 107 7.50 -0.77 1.68
CA TYR A 107 7.80 -2.20 1.55
C TYR A 107 9.25 -2.49 1.80
N ILE A 108 9.56 -3.56 2.53
CA ILE A 108 10.93 -4.04 2.65
C ILE A 108 11.02 -5.50 2.26
N GLU A 109 11.92 -5.78 1.31
CA GLU A 109 12.11 -7.14 0.81
C GLU A 109 12.74 -8.14 1.83
N ASN A 110 12.54 -9.44 1.63
CA ASN A 110 13.18 -10.50 2.47
C ASN A 110 12.80 -10.42 3.97
N SER A 111 11.57 -10.01 4.31
CA SER A 111 11.16 -10.13 5.70
C SER A 111 11.15 -11.61 6.13
N PRO A 112 11.46 -11.90 7.41
CA PRO A 112 11.58 -13.31 7.84
C PRO A 112 10.38 -14.18 7.54
N GLU A 113 10.66 -15.43 7.14
CA GLU A 113 9.65 -16.37 6.72
C GLU A 113 8.91 -16.88 7.96
N LEU A 114 7.63 -17.14 7.79
CA LEU A 114 6.84 -17.66 8.89
C LEU A 114 6.05 -18.84 8.33
N PRO A 115 5.64 -19.76 9.23
CA PRO A 115 4.83 -20.92 8.84
C PRO A 115 3.43 -20.46 8.53
N SER A 116 2.65 -21.33 7.90
CA SER A 116 1.39 -20.90 7.30
C SER A 116 0.36 -20.50 8.36
N LYS A 117 0.55 -20.96 9.58
CA LYS A 117 -0.21 -20.49 10.76
C LYS A 117 0.79 -19.88 11.70
N CYS A 118 0.67 -18.57 11.91
CA CYS A 118 1.75 -17.81 12.55
C CYS A 118 1.23 -16.54 13.16
N THR A 119 2.08 -15.89 13.93
CA THR A 119 1.84 -14.54 14.46
C THR A 119 2.97 -13.65 13.97
N LEU A 120 2.64 -12.45 13.50
CA LEU A 120 3.67 -11.52 13.07
C LEU A 120 4.49 -11.06 14.25
N PRO A 121 5.78 -10.80 14.01
CA PRO A 121 6.64 -10.27 15.05
C PRO A 121 6.07 -8.96 15.58
N MET A 122 6.04 -8.84 16.90
CA MET A 122 5.58 -7.60 17.47
C MET A 122 6.13 -7.40 18.88
N ARG A 123 6.01 -6.17 19.38
CA ARG A 123 6.50 -5.85 20.70
C ARG A 123 5.48 -6.16 21.75
N GLU A 124 5.94 -6.11 23.00
CA GLU A 124 5.08 -6.14 24.18
C GLU A 124 3.99 -5.07 24.10
N GLU A 125 4.35 -3.83 23.73
CA GLU A 125 3.34 -2.76 23.49
C GLU A 125 2.29 -3.23 22.47
N ASP A 126 2.73 -3.94 21.44
CA ASP A 126 1.78 -4.39 20.41
C ASP A 126 0.78 -5.43 20.90
N GLU A 127 1.18 -6.23 21.88
CA GLU A 127 0.29 -7.25 22.42
C GLU A 127 -0.93 -6.69 23.20
N LYS A 128 -0.96 -5.39 23.45
CA LYS A 128 -2.10 -4.76 24.16
C LYS A 128 -3.23 -4.42 23.20
N ILE A 129 -2.99 -4.62 21.90
CA ILE A 129 -3.94 -4.19 20.90
C ILE A 129 -4.86 -5.39 20.58
N THR A 130 -6.11 -5.13 20.23
CA THR A 130 -7.06 -6.18 19.76
C THR A 130 -6.45 -6.93 18.59
N PRO A 131 -6.31 -8.27 18.70
CA PRO A 131 -5.72 -9.08 17.63
C PRO A 131 -6.57 -9.09 16.42
N LEU A 132 -5.95 -9.32 15.27
CA LEU A 132 -6.71 -9.55 14.05
C LEU A 132 -6.16 -10.89 13.52
N VAL A 133 -7.06 -11.83 13.22
CA VAL A 133 -6.65 -13.16 12.73
C VAL A 133 -7.18 -13.28 11.30
N PHE A 134 -6.29 -13.35 10.34
CA PHE A 134 -6.58 -13.14 8.98
C PHE A 134 -6.33 -14.49 8.34
N SER A 135 -7.38 -15.09 7.78
CA SER A 135 -7.33 -16.45 7.16
C SER A 135 -7.68 -16.45 5.69
N GLY A 136 -7.21 -17.46 4.96
CA GLY A 136 -7.70 -17.53 3.61
C GLY A 136 -6.85 -18.49 2.85
N GLN A 137 -6.95 -18.40 1.55
CA GLN A 137 -6.27 -19.32 0.66
C GLN A 137 -5.84 -18.58 -0.58
N VAL A 138 -4.63 -18.87 -1.07
CA VAL A 138 -4.22 -18.33 -2.35
C VAL A 138 -4.72 -19.27 -3.47
N THR A 139 -5.45 -18.75 -4.45
CA THR A 139 -5.97 -19.64 -5.54
C THR A 139 -5.64 -19.12 -6.92
N ASP A 140 -5.86 -19.93 -7.97
CA ASP A 140 -5.81 -19.41 -9.33
C ASP A 140 -7.16 -18.87 -9.77
N LEU A 141 -7.29 -18.50 -11.05
CA LEU A 141 -8.51 -17.91 -11.55
C LEU A 141 -9.69 -18.87 -11.54
N ASP A 142 -9.39 -20.18 -11.55
CA ASP A 142 -10.48 -21.17 -11.49
C ASP A 142 -10.90 -21.53 -10.08
N GLY A 143 -10.19 -20.98 -9.08
CA GLY A 143 -10.47 -21.27 -7.68
C GLY A 143 -9.62 -22.39 -7.11
N ASN A 144 -8.65 -22.91 -7.86
CA ASN A 144 -7.78 -23.98 -7.35
C ASN A 144 -6.71 -23.49 -6.38
N GLY A 145 -6.60 -24.13 -5.22
CA GLY A 145 -5.54 -23.82 -4.23
C GLY A 145 -4.13 -23.98 -4.79
N LEU A 146 -3.28 -22.96 -4.60
CA LEU A 146 -1.88 -23.03 -5.04
C LEU A 146 -0.87 -23.36 -3.94
N ALA A 147 -0.13 -24.43 -4.17
CA ALA A 147 1.05 -24.78 -3.36
C ALA A 147 2.24 -23.90 -3.77
N GLY A 148 3.18 -23.70 -2.84
CA GLY A 148 4.33 -22.80 -3.01
C GLY A 148 4.04 -21.29 -2.80
N ALA A 149 2.89 -20.96 -2.20
CA ALA A 149 2.46 -19.56 -2.26
C ALA A 149 3.06 -18.83 -1.07
N LYS A 150 3.36 -17.54 -1.26
CA LYS A 150 3.87 -16.72 -0.16
C LYS A 150 3.04 -15.45 -0.02
N VAL A 151 2.93 -14.99 1.20
CA VAL A 151 2.17 -13.77 1.52
C VAL A 151 3.09 -12.88 2.36
N GLU A 152 3.56 -11.80 1.78
CA GLU A 152 4.41 -10.86 2.46
C GLU A 152 3.50 -9.77 2.99
N LEU A 153 3.57 -9.54 4.27
CA LEU A 153 2.57 -8.70 4.92
C LEU A 153 3.35 -7.61 5.59
N TRP A 154 2.86 -6.35 5.57
CA TRP A 154 3.49 -5.40 6.44
C TRP A 154 2.45 -4.33 6.75
N HIS A 155 2.59 -3.67 7.88
CA HIS A 155 1.62 -2.59 8.17
C HIS A 155 2.11 -1.82 9.36
N ALA A 156 1.42 -0.73 9.65
CA ALA A 156 1.82 0.17 10.72
C ALA A 156 1.31 -0.30 12.09
N ASP A 157 1.95 0.17 13.15
CA ASP A 157 1.50 -0.23 14.46
C ASP A 157 0.47 0.79 14.89
N ASN A 158 -0.12 0.58 16.06
CA ASN A 158 -1.17 1.46 16.59
C ASN A 158 -0.74 2.88 16.84
N ASP A 159 0.57 3.13 16.87
CA ASP A 159 1.09 4.48 16.99
C ASP A 159 1.24 5.17 15.64
N GLY A 160 0.98 4.42 14.56
CA GLY A 160 1.13 4.89 13.20
C GLY A 160 2.55 4.90 12.64
N TYR A 161 3.39 3.99 13.15
CA TYR A 161 4.75 3.87 12.65
C TYR A 161 5.01 2.56 11.97
N TYR A 162 5.90 2.62 10.99
CA TYR A 162 6.36 1.41 10.28
C TYR A 162 7.74 1.06 10.72
N SER A 163 8.01 -0.25 10.93
CA SER A 163 9.38 -0.70 11.22
C SER A 163 10.36 -0.31 10.09
N GLN A 164 11.59 0.01 10.47
CA GLN A 164 12.60 0.54 9.58
C GLN A 164 12.38 1.97 9.12
N PHE A 165 11.30 2.64 9.56
CA PHE A 165 10.99 4.00 9.20
C PHE A 165 10.68 4.77 10.50
N ALA A 166 11.19 4.24 11.59
CA ALA A 166 11.04 4.79 12.93
C ALA A 166 12.13 4.16 13.78
N PRO A 167 13.07 4.98 14.29
CA PRO A 167 14.22 4.43 14.99
C PRO A 167 13.90 3.53 16.17
N HIS A 168 12.76 3.72 16.82
CA HIS A 168 12.42 2.95 18.02
C HIS A 168 11.93 1.53 17.84
N LEU A 169 11.65 1.14 16.60
CA LEU A 169 11.05 -0.16 16.35
C LEU A 169 12.04 -1.25 15.94
N PRO A 170 11.83 -2.50 16.41
CA PRO A 170 12.61 -3.62 15.84
C PRO A 170 12.36 -3.66 14.36
N GLU A 171 13.36 -4.12 13.61
CA GLU A 171 13.36 -3.89 12.18
C GLU A 171 12.28 -4.72 11.50
N TRP A 172 11.79 -5.76 12.15
CA TRP A 172 10.78 -6.60 11.46
C TRP A 172 9.45 -6.51 12.20
N ASN A 173 9.29 -5.45 12.97
CA ASN A 173 8.01 -5.28 13.64
C ASN A 173 6.87 -5.25 12.60
N LEU A 174 5.92 -6.21 12.73
CA LEU A 174 4.72 -6.27 11.88
C LEU A 174 5.11 -6.44 10.42
N ARG A 175 6.10 -7.33 10.16
CA ARG A 175 6.48 -7.63 8.80
C ARG A 175 6.80 -9.11 8.77
N GLY A 176 6.41 -9.77 7.71
CA GLY A 176 6.78 -11.19 7.59
C GLY A 176 6.50 -11.77 6.22
N THR A 177 7.15 -12.89 5.92
CA THR A 177 6.82 -13.58 4.70
C THR A 177 6.16 -14.92 5.08
N ILE A 178 4.84 -15.03 4.91
CA ILE A 178 4.12 -16.22 5.33
C ILE A 178 4.17 -17.30 4.25
N ILE A 179 4.75 -18.43 4.58
CA ILE A 179 4.69 -19.59 3.66
C ILE A 179 3.37 -20.38 3.76
N ALA A 180 2.52 -20.33 2.75
CA ALA A 180 1.21 -20.96 2.81
C ALA A 180 1.38 -22.48 2.71
N ASP A 181 0.33 -23.19 3.11
CA ASP A 181 0.43 -24.65 3.27
C ASP A 181 0.28 -25.33 1.89
N GLU A 182 0.26 -26.67 1.82
CA GLU A 182 0.17 -27.37 0.51
C GLU A 182 -1.09 -27.03 -0.28
N GLU A 183 -2.11 -26.51 0.40
CA GLU A 183 -3.32 -26.04 -0.30
C GLU A 183 -3.32 -24.51 -0.57
N GLY A 184 -2.33 -23.80 -0.07
CA GLY A 184 -2.27 -22.35 -0.28
C GLY A 184 -3.00 -21.68 0.84
N ARG A 185 -3.21 -22.40 1.92
CA ARG A 185 -3.97 -21.83 3.04
C ARG A 185 -3.07 -21.07 4.04
N TYR A 186 -3.60 -20.05 4.71
CA TYR A 186 -2.80 -19.30 5.68
CA TYR A 186 -2.80 -19.31 5.68
C TYR A 186 -3.73 -18.91 6.83
N GLU A 187 -3.15 -18.72 8.00
CA GLU A 187 -3.87 -18.16 9.13
C GLU A 187 -2.90 -17.28 9.86
N ILE A 188 -3.08 -15.95 9.77
CA ILE A 188 -2.05 -15.02 10.24
C ILE A 188 -2.59 -14.10 11.33
N THR A 189 -1.93 -14.07 12.47
CA THR A 189 -2.42 -13.25 13.59
C THR A 189 -1.56 -12.04 13.66
N THR A 190 -2.21 -10.90 13.70
CA THR A 190 -1.50 -9.66 13.86
C THR A 190 -2.27 -8.72 14.77
N ILE A 191 -1.98 -7.44 14.71
CA ILE A 191 -2.83 -6.47 15.41
C ILE A 191 -3.68 -5.70 14.43
N GLN A 192 -4.80 -5.20 14.94
CA GLN A 192 -5.76 -4.48 14.13
C GLN A 192 -5.10 -3.15 13.73
N PRO A 193 -4.77 -2.96 12.44
CA PRO A 193 -4.15 -1.68 12.07
C PRO A 193 -5.12 -0.51 12.34
N ALA A 194 -4.54 0.65 12.55
CA ALA A 194 -5.30 1.88 12.72
C ALA A 194 -4.80 2.90 11.68
N PRO A 195 -5.60 3.98 11.48
CA PRO A 195 -5.34 4.95 10.39
C PRO A 195 -3.89 5.46 10.45
N TYR A 196 -3.32 5.76 9.29
CA TYR A 196 -1.98 6.21 9.14
C TYR A 196 -1.99 7.68 8.71
N GLN A 197 -1.33 8.54 9.49
CA GLN A 197 -1.07 9.88 9.04
C GLN A 197 0.21 9.93 8.25
N ILE A 198 0.14 10.47 7.05
CA ILE A 198 1.38 10.70 6.36
C ILE A 198 2.28 11.76 7.08
N PRO A 199 3.63 11.62 6.99
CA PRO A 199 4.52 12.63 7.55
C PRO A 199 4.12 14.04 7.11
N THR A 200 3.94 14.96 8.04
CA THR A 200 3.56 16.31 7.60
C THR A 200 4.55 17.41 8.01
N ASP A 201 5.69 16.99 8.56
CA ASP A 201 6.72 17.95 8.89
C ASP A 201 7.41 18.49 7.64
N GLY A 202 7.06 17.98 6.45
CA GLY A 202 7.87 18.29 5.27
C GLY A 202 7.06 18.92 4.15
N PRO A 203 7.65 19.00 2.96
CA PRO A 203 7.05 19.57 1.78
C PRO A 203 5.72 18.94 1.38
N THR A 204 5.57 17.62 1.52
CA THR A 204 4.31 16.98 1.14
C THR A 204 3.18 17.49 2.11
N GLY A 205 3.47 17.47 3.40
CA GLY A 205 2.54 17.99 4.42
C GLY A 205 2.15 19.44 4.11
N GLN A 206 3.16 20.25 3.78
CA GLN A 206 3.01 21.65 3.39
C GLN A 206 2.06 21.81 2.22
N PHE A 207 2.23 20.98 1.19
CA PHE A 207 1.31 20.90 0.03
C PHE A 207 -0.14 20.65 0.44
N ILE A 208 -0.35 19.66 1.30
CA ILE A 208 -1.68 19.29 1.75
C ILE A 208 -2.26 20.46 2.62
N GLU A 209 -1.47 20.97 3.52
CA GLU A 209 -1.88 22.09 4.41
C GLU A 209 -2.33 23.30 3.61
N ALA A 210 -1.51 23.71 2.63
CA ALA A 210 -1.79 24.85 1.75
C ALA A 210 -3.12 24.76 1.02
N GLN A 211 -3.69 23.56 0.85
CA GLN A 211 -4.97 23.46 0.15
C GLN A 211 -6.07 22.94 1.05
N ASN A 212 -5.84 23.01 2.37
CA ASN A 212 -6.82 22.58 3.40
C ASN A 212 -7.23 21.14 3.18
N GLY A 213 -6.28 20.32 2.73
CA GLY A 213 -6.58 18.91 2.58
C GLY A 213 -6.33 18.20 3.89
N HIS A 214 -6.37 16.88 3.85
CA HIS A 214 -6.02 16.16 5.05
C HIS A 214 -5.01 15.07 4.79
N PRO A 215 -4.14 14.80 5.75
CA PRO A 215 -3.04 13.93 5.42
C PRO A 215 -3.25 12.49 5.88
N TRP A 216 -4.47 11.98 5.84
CA TRP A 216 -4.75 10.65 6.40
C TRP A 216 -5.02 9.54 5.38
N ARG A 217 -4.54 8.32 5.70
CA ARG A 217 -4.94 7.14 5.00
C ARG A 217 -5.77 6.27 5.96
N PRO A 218 -6.77 5.57 5.43
CA PRO A 218 -7.46 4.64 6.27
C PRO A 218 -6.53 3.57 6.83
N ALA A 219 -6.99 2.91 7.88
CA ALA A 219 -6.27 1.73 8.42
C ALA A 219 -6.10 0.66 7.34
N HIS A 220 -4.90 0.07 7.23
CA HIS A 220 -4.73 -0.91 6.11
C HIS A 220 -3.60 -1.88 6.39
N LEU A 221 -3.73 -3.10 5.84
CA LEU A 221 -2.65 -4.05 5.66
C LEU A 221 -2.09 -3.94 4.27
N HIS A 222 -0.78 -4.14 4.14
CA HIS A 222 -0.20 -4.27 2.82
C HIS A 222 0.15 -5.72 2.62
N LEU A 223 -0.06 -6.18 1.39
CA LEU A 223 0.37 -7.53 1.01
C LEU A 223 0.92 -7.67 -0.38
N ILE A 224 1.88 -8.57 -0.52
CA ILE A 224 2.31 -9.00 -1.85
C ILE A 224 2.21 -10.51 -1.82
N VAL A 225 1.48 -11.08 -2.77
CA VAL A 225 1.15 -12.51 -2.70
C VAL A 225 1.68 -13.13 -3.97
N SER A 226 2.33 -14.25 -3.84
CA SER A 226 2.98 -14.81 -5.01
C SER A 226 2.88 -16.30 -4.99
N ALA A 227 3.25 -16.92 -6.10
CA ALA A 227 3.17 -18.37 -6.22
C ALA A 227 3.87 -18.77 -7.52
N PRO A 228 4.43 -19.99 -7.55
CA PRO A 228 5.15 -20.50 -8.75
C PRO A 228 4.31 -20.32 -9.99
N GLY A 229 4.86 -19.64 -11.01
CA GLY A 229 4.18 -19.52 -12.30
C GLY A 229 3.06 -18.52 -12.24
N LYS A 230 3.03 -17.72 -11.18
CA LYS A 230 1.98 -16.74 -11.06
C LYS A 230 2.51 -15.32 -11.04
N GLU A 231 1.69 -14.41 -11.54
CA GLU A 231 1.93 -12.98 -11.43
C GLU A 231 1.57 -12.61 -9.99
N SER A 232 2.51 -12.00 -9.31
CA SER A 232 2.27 -11.55 -7.95
C SER A 232 1.26 -10.44 -7.97
N VAL A 233 0.59 -10.25 -6.85
CA VAL A 233 -0.25 -9.10 -6.76
C VAL A 233 0.19 -8.31 -5.53
N THR A 234 0.27 -7.00 -5.68
CA THR A 234 0.53 -6.12 -4.55
C THR A 234 -0.81 -5.51 -4.26
N THR A 235 -1.26 -5.59 -3.01
CA THR A 235 -2.56 -5.07 -2.73
C THR A 235 -2.62 -4.53 -1.30
N GLN A 236 -3.78 -4.00 -0.92
CA GLN A 236 -4.06 -3.52 0.42
C GLN A 236 -5.45 -3.92 0.85
N LEU A 237 -5.66 -4.10 2.16
CA LEU A 237 -6.96 -4.49 2.65
C LEU A 237 -7.34 -3.46 3.71
N TYR A 238 -8.59 -3.03 3.71
CA TYR A 238 -9.07 -1.94 4.61
C TYR A 238 -10.19 -2.50 5.49
N PHE A 239 -10.85 -1.66 6.30
CA PHE A 239 -11.77 -2.18 7.30
C PHE A 239 -13.09 -1.42 7.24
N LYS A 240 -14.16 -2.17 7.11
CA LYS A 240 -15.45 -1.60 6.89
C LYS A 240 -15.75 -0.59 7.99
N GLY A 241 -16.29 0.56 7.61
CA GLY A 241 -16.63 1.55 8.61
C GLY A 241 -15.45 2.32 9.15
N GLY A 242 -14.23 1.97 8.70
CA GLY A 242 -13.04 2.67 9.17
C GLY A 242 -13.03 4.12 8.72
N GLU A 243 -12.40 5.00 9.50
CA GLU A 243 -12.35 6.40 9.14
C GLU A 243 -11.37 6.60 7.96
N TRP A 244 -11.67 7.62 7.13
CA TRP A 244 -10.86 8.02 5.95
C TRP A 244 -11.05 7.05 4.78
N ILE A 245 -11.90 6.04 4.95
CA ILE A 245 -12.00 5.03 3.90
C ILE A 245 -12.58 5.60 2.60
N ASP A 246 -13.35 6.68 2.76
CA ASP A 246 -13.94 7.38 1.65
C ASP A 246 -13.14 8.63 1.27
N SER A 247 -12.04 8.92 1.98
CA SER A 247 -11.21 10.08 1.63
C SER A 247 -9.73 9.78 1.91
N ASP A 248 -9.26 8.72 1.32
CA ASP A 248 -7.89 8.34 1.44
C ASP A 248 -7.04 9.37 0.68
N VAL A 249 -6.07 9.99 1.36
CA VAL A 249 -5.22 10.97 0.69
C VAL A 249 -4.50 10.39 -0.58
N ALA A 250 -4.28 9.06 -0.59
CA ALA A 250 -3.53 8.37 -1.63
C ALA A 250 -4.42 7.82 -2.71
N SER A 251 -5.74 7.98 -2.57
CA SER A 251 -6.70 7.54 -3.61
C SER A 251 -6.47 6.05 -3.95
N ALA A 252 -6.18 5.25 -2.94
CA ALA A 252 -5.75 3.84 -3.12
C ALA A 252 -6.76 2.81 -2.62
N THR A 253 -7.88 3.30 -2.10
CA THR A 253 -8.87 2.45 -1.48
C THR A 253 -9.83 1.98 -2.55
N LYS A 254 -10.10 0.69 -2.59
CA LYS A 254 -11.15 0.14 -3.52
C LYS A 254 -12.18 -0.62 -2.67
N PRO A 255 -13.48 -0.57 -3.07
CA PRO A 255 -14.54 -1.24 -2.35
C PRO A 255 -14.27 -2.77 -2.23
N GLU A 256 -13.66 -3.37 -3.22
CA GLU A 256 -13.37 -4.80 -3.20
C GLU A 256 -12.33 -5.21 -2.12
N LEU A 257 -11.65 -4.22 -1.53
CA LEU A 257 -10.57 -4.50 -0.64
C LEU A 257 -10.92 -4.19 0.80
N ILE A 258 -12.19 -3.91 1.05
CA ILE A 258 -12.65 -3.56 2.39
C ILE A 258 -13.08 -4.84 3.12
N LEU A 259 -12.37 -5.18 4.18
CA LEU A 259 -12.72 -6.35 4.98
C LEU A 259 -13.78 -6.01 5.99
N ASP A 260 -14.51 -7.04 6.39
CA ASP A 260 -15.50 -6.87 7.46
C ASP A 260 -15.31 -7.93 8.58
N PRO A 261 -14.29 -7.74 9.43
CA PRO A 261 -14.00 -8.73 10.46
C PRO A 261 -15.10 -8.82 11.51
N LYS A 262 -15.25 -10.02 12.04
CA LYS A 262 -16.22 -10.30 13.09
C LYS A 262 -15.47 -10.64 14.36
N THR A 263 -15.93 -10.09 15.48
CA THR A 263 -15.28 -10.29 16.76
C THR A 263 -15.71 -11.62 17.41
N GLY A 264 -14.73 -12.44 17.77
CA GLY A 264 -14.96 -13.70 18.48
C GLY A 264 -15.21 -13.50 19.96
N ASP A 265 -15.61 -14.58 20.64
CA ASP A 265 -15.82 -14.56 22.09
C ASP A 265 -14.52 -14.31 22.84
N ASP A 266 -13.42 -14.60 22.17
CA ASP A 266 -12.08 -14.29 22.72
C ASP A 266 -11.70 -12.80 22.54
N GLY A 267 -12.59 -12.03 21.92
CA GLY A 267 -12.35 -10.57 21.70
C GLY A 267 -11.49 -10.27 20.46
N LYS A 268 -11.05 -11.30 19.76
CA LYS A 268 -10.23 -11.11 18.56
C LYS A 268 -11.11 -10.89 17.36
N ASN A 269 -10.63 -10.12 16.38
CA ASN A 269 -11.36 -9.92 15.14
C ASN A 269 -10.89 -10.95 14.14
N TYR A 270 -11.84 -11.64 13.53
CA TYR A 270 -11.53 -12.69 12.53
C TYR A 270 -12.02 -12.30 11.18
N VAL A 271 -11.20 -12.56 10.17
CA VAL A 271 -11.63 -12.29 8.84
C VAL A 271 -10.96 -13.26 7.88
N THR A 272 -11.71 -13.63 6.85
CA THR A 272 -11.20 -14.55 5.83
C THR A 272 -11.15 -13.80 4.49
N TYR A 273 -10.01 -13.83 3.82
CA TYR A 273 -9.94 -13.21 2.52
C TYR A 273 -9.05 -14.08 1.67
N ASN A 274 -9.55 -14.53 0.53
CA ASN A 274 -8.72 -15.31 -0.38
C ASN A 274 -8.07 -14.47 -1.48
N PHE A 275 -6.90 -14.88 -1.92
CA PHE A 275 -6.23 -14.24 -3.03
C PHE A 275 -6.28 -15.11 -4.24
N VAL A 276 -6.60 -14.47 -5.35
CA VAL A 276 -6.71 -15.07 -6.65
C VAL A 276 -5.63 -14.49 -7.56
N LEU A 277 -4.73 -15.34 -8.04
CA LEU A 277 -3.64 -14.84 -8.89
C LEU A 277 -3.81 -15.10 -10.40
N ASP A 278 -3.45 -14.11 -11.20
CA ASP A 278 -3.38 -14.26 -12.64
C ASP A 278 -2.16 -15.11 -12.97
N PRO A 279 -2.17 -15.76 -14.15
CA PRO A 279 -0.93 -16.49 -14.48
C PRO A 279 0.20 -15.53 -14.91
N ALA A 280 1.45 -15.89 -14.62
CA ALA A 280 2.63 -15.20 -15.17
C ALA A 280 2.88 -15.61 -16.62
FE FE B . 0.79 1.90 4.40
MG MG C . -5.92 22.03 7.70
C1 MCT D . 1.22 5.86 1.06
C2 MCT D . 0.99 4.48 1.12
C3 MCT D . 1.06 3.83 2.34
O3 MCT D . 0.83 2.52 2.53
C4 MCT D . 1.39 4.59 3.53
O4 MCT D . 1.38 3.88 4.66
C5 MCT D . 1.60 5.97 3.45
C6 MCT D . 1.54 6.58 2.21
C MCT D . 1.14 6.55 -0.26
C24 6PL E . 2.51 11.72 -16.30
C23 6PL E . 3.97 11.47 -15.95
C22 6PL E . 4.42 10.10 -16.49
C21 6PL E . 5.91 9.97 -16.31
C20 6PL E . 6.35 8.51 -16.35
C19 6PL E . 7.25 8.33 -17.56
C18 6PL E . 8.50 7.54 -17.21
C17 6PL E . 9.27 7.19 -18.48
C16 6PL E . 10.50 6.42 -18.10
C15 6PL E . 11.08 5.73 -19.30
C14 6PL E . 12.45 6.27 -19.60
C13 6PL E . 13.40 5.15 -19.91
C12 6PL E . 14.80 5.67 -19.91
C11 6PL E . 15.75 4.71 -20.57
O11 6PL E . 16.03 4.87 -21.76
O3 6PL E . 16.39 3.60 -19.87
C3 6PL E . 16.25 3.70 -18.44
C2 6PL E . 17.36 4.55 -17.85
C1 6PL E . 18.29 3.66 -17.01
O3P 6PL E . 19.03 2.80 -17.88
P 6PL E . 20.53 2.64 -17.33
O2 6PL E . 16.76 5.57 -17.03
C31 6PL E . 17.28 6.91 -17.28
O31 6PL E . 18.00 7.42 -16.43
C32 6PL E . 16.94 7.68 -18.54
C33 6PL E . 16.37 9.05 -18.16
C34 6PL E . 14.97 8.94 -17.56
C35 6PL E . 14.21 10.24 -17.82
C36 6PL E . 12.71 10.02 -17.88
C37 6PL E . 11.99 11.10 -17.11
C38 6PL E . 10.48 11.04 -17.29
C39 6PL E . 9.88 12.42 -17.10
C40 6PL E . 8.72 12.71 -18.05
C41 6PL E . 7.70 13.60 -17.35
C42 6PL E . 8.06 15.08 -17.42
C43 6PL E . 7.24 15.89 -16.42
C44 6PL E . 7.90 15.89 -15.02
C45 6PL E . 7.12 16.77 -14.03
C46 6PL E . 8.00 17.89 -13.46
C47 6PL E . 7.26 18.72 -12.44
C48 6PL E . 7.22 20.13 -13.00
#